data_3ZTV
#
_entry.id   3ZTV
#
_cell.length_a   54.640
_cell.length_b   126.607
_cell.length_c   200.486
_cell.angle_alpha   90.00
_cell.angle_beta   90.00
_cell.angle_gamma   90.00
#
_symmetry.space_group_name_H-M   'C 2 2 21'
#
loop_
_entity.id
_entity.type
_entity.pdbx_description
1 polymer 'NAD NUCLEOTIDASE'
2 non-polymer 'ZINC ION'
3 non-polymer ADENOSINE
4 non-polymer GLYCEROL
5 water water
#
_entity_poly.entity_id   1
_entity_poly.type   'polypeptide(L)'
_entity_poly.pdbx_seq_one_letter_code
;AKEAPQAHKAVELSILHINDHHSYLEPHETRINLNGQQTKVDIGGFSAVNAKLNKLRKKYKNPLVLHAGDAITGTLYFTL
FGGSADAAVMNAGNFHYFTLGNHEFDAGNEGLLKLLEPLKIPVLSANVIPDKSSILYNKWKPYDIFTVDGEKIAIIGLDT
VNKTVNSSSPGKDVKFYDEIATAQIMANALKQQGINKIILLSHAGSEKNIEIAQKVNDIDVIVTGDSHYLYGNDELRSLK
LPVIYEYPLEFKNPNGEPVFVMEGWAYSAVVGDLGVKFSPEGIASITRKIPHVLMSSHKLQVKNSEGKWAELTGDERKKA
LDTLKSMKSISLDDHDAKTDKLIAKYKSEKDRLAQEIVGVITGSAMPGGSANRIPNKAGSNPEGSIATRFIAETMYNELK
TVDLTIQNAGGVRADILPGNVTFNDAYTFLPFGNTLYTYKMEGSLVKQVLEDAMQFALVDGSTGAFPYGAGIRYEANETP
NAEGKRLVSVEVLNKQTQQWEPIDDNKRYLVGTNAYVAGGKDGYKTFGKLFNDPKYEGVDTYLPDAESFIKFMKKHPHFE
AYTSSNVKFNASTDALPKK
;
_entity_poly.pdbx_strand_id   A
#
# COMPACT_ATOMS: atom_id res chain seq x y z
N HIS A 8 -32.00 13.67 24.96
CA HIS A 8 -31.53 13.00 23.75
C HIS A 8 -32.60 12.11 23.13
N LYS A 9 -32.54 11.98 21.80
CA LYS A 9 -33.40 11.08 21.06
C LYS A 9 -32.54 10.04 20.34
N ALA A 10 -33.12 8.89 20.04
CA ALA A 10 -32.45 7.87 19.24
C ALA A 10 -32.32 8.37 17.79
N VAL A 11 -31.22 8.06 17.14
CA VAL A 11 -31.06 8.40 15.72
C VAL A 11 -30.32 7.32 14.97
N GLU A 12 -30.50 7.28 13.65
CA GLU A 12 -29.78 6.31 12.83
C GLU A 12 -28.87 7.00 11.81
N LEU A 13 -27.77 6.32 11.50
CA LEU A 13 -26.75 6.82 10.58
C LEU A 13 -26.45 5.74 9.56
N SER A 14 -26.17 6.15 8.32
CA SER A 14 -25.77 5.21 7.26
C SER A 14 -24.34 5.52 6.81
N ILE A 15 -23.38 4.82 7.40
CA ILE A 15 -21.97 5.06 7.09
C ILE A 15 -21.57 4.35 5.79
N LEU A 16 -20.97 5.11 4.88
CA LEU A 16 -20.50 4.60 3.58
C LEU A 16 -19.04 5.03 3.48
N HIS A 17 -18.13 4.08 3.26
CA HIS A 17 -16.72 4.43 3.40
C HIS A 17 -15.80 3.65 2.46
N ILE A 18 -14.71 4.32 2.08
CA ILE A 18 -13.57 3.68 1.40
C ILE A 18 -12.27 4.08 2.10
N ASN A 19 -11.16 3.44 1.73
CA ASN A 19 -9.86 3.78 2.29
C ASN A 19 -8.77 3.29 1.35
N ASP A 20 -7.62 3.96 1.38
CA ASP A 20 -6.41 3.44 0.75
C ASP A 20 -6.60 3.17 -0.75
N HIS A 21 -7.24 4.11 -1.43
CA HIS A 21 -7.37 3.93 -2.87
C HIS A 21 -6.05 4.09 -3.64
N HIS A 22 -5.09 4.80 -3.05
CA HIS A 22 -3.71 4.82 -3.58
C HIS A 22 -3.65 5.14 -5.08
N SER A 23 -4.46 6.12 -5.51
CA SER A 23 -4.44 6.58 -6.89
C SER A 23 -4.89 5.54 -7.91
N TYR A 24 -5.62 4.51 -7.46
CA TYR A 24 -6.18 3.52 -8.38
C TYR A 24 -7.48 4.06 -8.97
N LEU A 25 -7.36 4.89 -10.00
CA LEU A 25 -8.54 5.46 -10.63
C LEU A 25 -9.25 4.45 -11.54
N GLU A 26 -8.48 3.53 -12.12
CA GLU A 26 -9.03 2.52 -13.02
C GLU A 26 -9.19 1.22 -12.24
N PRO A 27 -10.00 0.29 -12.79
CA PRO A 27 -10.11 -1.06 -12.21
C PRO A 27 -8.77 -1.78 -12.25
N HIS A 28 -8.64 -2.85 -11.48
CA HIS A 28 -7.47 -3.71 -11.57
C HIS A 28 -7.89 -5.19 -11.49
N GLU A 29 -6.99 -6.07 -11.88
CA GLU A 29 -7.33 -7.49 -11.93
C GLU A 29 -7.15 -8.18 -10.59
N THR A 30 -8.03 -9.13 -10.29
CA THR A 30 -7.85 -10.01 -9.14
C THR A 30 -8.35 -11.40 -9.50
N ARG A 31 -8.13 -12.37 -8.63
CA ARG A 31 -8.61 -13.73 -8.88
C ARG A 31 -9.57 -14.19 -7.80
N ILE A 32 -10.66 -14.81 -8.23
CA ILE A 32 -11.66 -15.35 -7.33
C ILE A 32 -11.95 -16.81 -7.67
N ASN A 33 -12.57 -17.52 -6.74
CA ASN A 33 -13.08 -18.85 -7.03
C ASN A 33 -14.57 -18.78 -7.29
N LEU A 34 -14.93 -18.91 -8.56
CA LEU A 34 -16.30 -18.74 -9.02
C LEU A 34 -16.79 -20.03 -9.63
N ASN A 35 -17.91 -20.55 -9.11
CA ASN A 35 -18.41 -21.83 -9.55
C ASN A 35 -17.31 -22.90 -9.56
N GLY A 36 -16.42 -22.84 -8.58
CA GLY A 36 -15.40 -23.87 -8.40
C GLY A 36 -14.07 -23.69 -9.10
N GLN A 37 -13.98 -22.69 -9.98
CA GLN A 37 -12.78 -22.49 -10.77
C GLN A 37 -12.12 -21.13 -10.50
N GLN A 38 -10.79 -21.12 -10.48
CA GLN A 38 -10.08 -19.85 -10.37
C GLN A 38 -10.33 -19.01 -11.61
N THR A 39 -10.72 -17.76 -11.37
CA THR A 39 -11.24 -16.89 -12.42
C THR A 39 -10.62 -15.50 -12.27
N LYS A 40 -10.05 -14.98 -13.35
CA LYS A 40 -9.55 -13.61 -13.37
C LYS A 40 -10.71 -12.69 -13.67
N VAL A 41 -10.84 -11.64 -12.86
CA VAL A 41 -11.89 -10.63 -13.01
C VAL A 41 -11.29 -9.25 -12.77
N ASP A 42 -12.00 -8.21 -13.20
CA ASP A 42 -11.62 -6.84 -12.87
C ASP A 42 -12.47 -6.31 -11.73
N ILE A 43 -11.84 -5.60 -10.79
CA ILE A 43 -12.53 -4.98 -9.67
C ILE A 43 -12.13 -3.52 -9.52
N GLY A 44 -13.01 -2.75 -8.90
CA GLY A 44 -12.66 -1.42 -8.46
C GLY A 44 -12.70 -0.34 -9.51
N GLY A 45 -11.89 0.70 -9.29
CA GLY A 45 -11.92 1.89 -10.09
C GLY A 45 -12.83 2.95 -9.49
N PHE A 46 -12.48 4.22 -9.67
CA PHE A 46 -13.23 5.27 -9.02
C PHE A 46 -14.59 5.56 -9.66
N SER A 47 -14.79 5.18 -10.93
CA SER A 47 -16.12 5.35 -11.51
C SER A 47 -17.13 4.47 -10.77
N ALA A 48 -16.77 3.22 -10.52
CA ALA A 48 -17.61 2.33 -9.73
C ALA A 48 -17.79 2.84 -8.30
N VAL A 49 -16.73 3.33 -7.68
CA VAL A 49 -16.82 3.87 -6.31
C VAL A 49 -17.88 4.98 -6.25
N ASN A 50 -17.73 5.97 -7.12
CA ASN A 50 -18.65 7.11 -7.07
C ASN A 50 -20.09 6.73 -7.43
N ALA A 51 -20.24 5.86 -8.42
CA ALA A 51 -21.57 5.39 -8.78
C ALA A 51 -22.25 4.68 -7.61
N LYS A 52 -21.51 3.79 -6.96
CA LYS A 52 -22.08 3.05 -5.83
C LYS A 52 -22.39 3.96 -4.63
N LEU A 53 -21.47 4.86 -4.30
CA LEU A 53 -21.73 5.83 -3.24
C LEU A 53 -22.97 6.68 -3.56
N ASN A 54 -23.09 7.12 -4.81
CA ASN A 54 -24.21 7.95 -5.20
C ASN A 54 -25.53 7.21 -5.06
N LYS A 55 -25.56 5.95 -5.48
CA LYS A 55 -26.79 5.18 -5.39
C LYS A 55 -27.15 4.83 -3.95
N LEU A 56 -26.16 4.46 -3.15
CA LEU A 56 -26.45 4.07 -1.76
C LEU A 56 -26.85 5.26 -0.91
N ARG A 57 -26.20 6.40 -1.09
CA ARG A 57 -26.51 7.57 -0.25
C ARG A 57 -27.93 8.08 -0.50
N LYS A 58 -28.45 7.89 -1.71
CA LYS A 58 -29.83 8.32 -1.99
C LYS A 58 -30.86 7.31 -1.48
N LYS A 59 -30.42 6.07 -1.29
CA LYS A 59 -31.28 4.98 -0.84
C LYS A 59 -31.46 4.95 0.68
N TYR A 60 -30.44 5.41 1.40
CA TYR A 60 -30.39 5.30 2.86
C TYR A 60 -30.58 6.63 3.54
N LYS A 61 -31.21 6.60 4.72
CA LYS A 61 -31.38 7.81 5.52
C LYS A 61 -30.10 8.19 6.24
N ASN A 62 -29.85 9.50 6.32
CA ASN A 62 -28.70 10.02 7.06
C ASN A 62 -27.35 9.43 6.65
N PRO A 63 -27.01 9.51 5.35
CA PRO A 63 -25.71 8.97 4.93
C PRO A 63 -24.54 9.83 5.41
N LEU A 64 -23.45 9.14 5.75
CA LEU A 64 -22.19 9.79 6.14
C LEU A 64 -21.10 9.14 5.29
N VAL A 65 -20.51 9.91 4.39
CA VAL A 65 -19.64 9.37 3.35
C VAL A 65 -18.19 9.71 3.65
N LEU A 66 -17.35 8.69 3.85
CA LEU A 66 -16.03 8.87 4.45
C LEU A 66 -14.90 8.23 3.64
N HIS A 67 -13.74 8.88 3.71
CA HIS A 67 -12.50 8.34 3.12
C HIS A 67 -11.43 8.29 4.21
N ALA A 68 -10.97 7.08 4.56
CA ALA A 68 -10.06 6.92 5.69
C ALA A 68 -8.55 7.04 5.38
N GLY A 69 -8.19 7.73 4.29
CA GLY A 69 -6.79 8.09 4.05
C GLY A 69 -6.03 7.27 3.02
N ASP A 70 -4.83 7.75 2.69
CA ASP A 70 -4.03 7.24 1.56
C ASP A 70 -4.83 7.30 0.25
N ALA A 71 -5.30 8.50 -0.04
CA ALA A 71 -5.84 8.80 -1.35
C ALA A 71 -4.75 8.73 -2.41
N ILE A 72 -3.54 9.14 -2.06
CA ILE A 72 -2.48 9.31 -3.07
C ILE A 72 -1.32 8.32 -2.98
N THR A 73 -0.68 8.12 -4.13
CA THR A 73 0.51 7.30 -4.37
C THR A 73 0.15 5.86 -4.63
N GLY A 74 0.71 5.30 -5.70
CA GLY A 74 0.53 3.90 -6.03
C GLY A 74 0.43 3.63 -7.52
N THR A 75 0.14 4.67 -8.31
CA THR A 75 0.06 4.55 -9.77
C THR A 75 0.52 5.86 -10.41
N LEU A 76 0.66 5.85 -11.74
CA LEU A 76 1.03 7.07 -12.47
C LEU A 76 -0.03 8.17 -12.37
N TYR A 77 -1.24 7.81 -11.95
CA TYR A 77 -2.25 8.85 -11.74
C TYR A 77 -1.86 9.83 -10.64
N PHE A 78 -1.03 9.38 -9.69
CA PHE A 78 -0.45 10.32 -8.74
C PHE A 78 0.76 11.02 -9.35
N THR A 79 1.73 10.23 -9.78
CA THR A 79 3.02 10.73 -10.24
C THR A 79 2.93 11.83 -11.29
N LEU A 80 2.04 11.66 -12.25
CA LEU A 80 2.01 12.57 -13.39
C LEU A 80 1.11 13.77 -13.17
N PHE A 81 0.33 13.75 -12.07
CA PHE A 81 -0.63 14.80 -11.79
C PHE A 81 -0.48 15.47 -10.43
N GLY A 82 0.43 14.96 -9.59
CA GLY A 82 0.68 15.56 -8.28
C GLY A 82 -0.54 15.60 -7.38
N GLY A 83 -1.48 14.68 -7.56
CA GLY A 83 -2.65 14.62 -6.71
C GLY A 83 -3.92 15.22 -7.29
N SER A 84 -3.80 15.96 -8.39
CA SER A 84 -4.96 16.64 -8.97
C SER A 84 -6.00 15.67 -9.52
N ALA A 85 -5.58 14.53 -10.05
CA ALA A 85 -6.52 13.54 -10.54
C ALA A 85 -7.30 12.91 -9.39
N ASP A 86 -6.59 12.61 -8.30
CA ASP A 86 -7.23 12.06 -7.11
C ASP A 86 -8.20 13.07 -6.52
N ALA A 87 -7.80 14.33 -6.42
CA ALA A 87 -8.69 15.36 -5.91
C ALA A 87 -9.95 15.46 -6.76
N ALA A 88 -9.80 15.37 -8.08
CA ALA A 88 -10.93 15.51 -8.98
C ALA A 88 -11.97 14.42 -8.77
N VAL A 89 -11.52 13.17 -8.70
CA VAL A 89 -12.48 12.07 -8.53
C VAL A 89 -13.06 12.03 -7.12
N MET A 90 -12.28 12.42 -6.12
CA MET A 90 -12.79 12.54 -4.75
C MET A 90 -13.86 13.61 -4.66
N ASN A 91 -13.60 14.77 -5.27
CA ASN A 91 -14.59 15.84 -5.30
C ASN A 91 -15.89 15.36 -5.93
N ALA A 92 -15.78 14.57 -7.01
CA ALA A 92 -16.95 14.05 -7.72
C ALA A 92 -17.76 13.06 -6.90
N GLY A 93 -17.13 12.47 -5.87
CA GLY A 93 -17.82 11.58 -4.97
C GLY A 93 -18.51 12.27 -3.80
N ASN A 94 -18.26 13.56 -3.63
CA ASN A 94 -18.91 14.34 -2.56
C ASN A 94 -18.83 13.66 -1.20
N PHE A 95 -17.63 13.18 -0.86
CA PHE A 95 -17.37 12.71 0.50
C PHE A 95 -17.63 13.80 1.52
N HIS A 96 -18.12 13.43 2.70
CA HIS A 96 -18.25 14.39 3.79
C HIS A 96 -16.93 14.71 4.48
N TYR A 97 -16.09 13.69 4.65
CA TYR A 97 -14.80 13.83 5.34
C TYR A 97 -13.74 12.91 4.80
N PHE A 98 -12.49 13.40 4.83
CA PHE A 98 -11.29 12.66 4.46
C PHE A 98 -10.32 12.83 5.63
N THR A 99 -9.64 11.76 6.02
CA THR A 99 -8.58 11.89 7.02
C THR A 99 -7.22 11.62 6.36
N LEU A 100 -6.18 12.27 6.88
CA LEU A 100 -4.83 12.05 6.36
C LEU A 100 -4.30 10.66 6.68
N GLY A 101 -3.71 10.02 5.67
CA GLY A 101 -2.95 8.80 5.88
C GLY A 101 -1.46 9.06 5.97
N ASN A 102 -0.69 8.00 5.81
CA ASN A 102 0.76 8.11 5.87
C ASN A 102 1.34 8.55 4.53
N HIS A 103 0.80 8.04 3.44
CA HIS A 103 1.36 8.38 2.13
C HIS A 103 1.02 9.78 1.68
N GLU A 104 0.08 10.43 2.35
CA GLU A 104 -0.20 11.84 2.06
C GLU A 104 1.06 12.71 2.24
N PHE A 105 2.04 12.22 3.00
CA PHE A 105 3.28 12.97 3.24
C PHE A 105 4.48 12.49 2.40
N ASP A 106 4.27 11.55 1.48
CA ASP A 106 5.39 10.97 0.71
C ASP A 106 6.21 11.98 -0.09
N ALA A 107 5.58 13.06 -0.55
CA ALA A 107 6.26 14.11 -1.29
C ALA A 107 6.39 15.38 -0.45
N GLY A 108 6.50 15.20 0.87
CA GLY A 108 6.69 16.31 1.77
C GLY A 108 5.45 17.16 1.97
N ASN A 109 5.58 18.23 2.74
CA ASN A 109 4.46 19.14 2.94
C ASN A 109 4.02 19.73 1.62
N GLU A 110 5.01 19.97 0.75
CA GLU A 110 4.78 20.51 -0.58
C GLU A 110 3.84 19.61 -1.39
N GLY A 111 4.10 18.31 -1.36
CA GLY A 111 3.24 17.38 -2.07
C GLY A 111 1.84 17.31 -1.50
N LEU A 112 1.71 17.38 -0.17
CA LEU A 112 0.38 17.34 0.42
C LEU A 112 -0.40 18.59 0.06
N LEU A 113 0.28 19.74 0.06
CA LEU A 113 -0.38 20.98 -0.32
C LEU A 113 -0.99 20.88 -1.72
N LYS A 114 -0.29 20.20 -2.63
CA LYS A 114 -0.77 20.08 -4.02
C LYS A 114 -2.03 19.22 -4.12
N LEU A 115 -2.18 18.27 -3.21
CA LEU A 115 -3.44 17.51 -3.12
C LEU A 115 -4.55 18.37 -2.51
N LEU A 116 -4.23 19.05 -1.41
CA LEU A 116 -5.24 19.76 -0.64
C LEU A 116 -5.83 20.98 -1.37
N GLU A 117 -5.02 21.64 -2.20
CA GLU A 117 -5.47 22.85 -2.88
C GLU A 117 -6.72 22.61 -3.73
N PRO A 118 -6.68 21.62 -4.65
CA PRO A 118 -7.87 21.32 -5.45
C PRO A 118 -8.95 20.52 -4.70
N LEU A 119 -8.59 19.88 -3.59
CA LEU A 119 -9.53 19.02 -2.86
C LEU A 119 -10.56 19.85 -2.10
N LYS A 120 -11.84 19.59 -2.33
CA LYS A 120 -12.89 20.35 -1.67
C LYS A 120 -13.61 19.56 -0.55
N ILE A 121 -13.17 18.34 -0.33
CA ILE A 121 -13.68 17.51 0.76
C ILE A 121 -13.06 17.98 2.09
N PRO A 122 -13.89 18.23 3.11
CA PRO A 122 -13.33 18.62 4.42
C PRO A 122 -12.34 17.59 4.96
N VAL A 123 -11.21 18.07 5.48
CA VAL A 123 -10.15 17.19 5.96
C VAL A 123 -10.07 17.23 7.48
N LEU A 124 -9.93 16.06 8.11
CA LEU A 124 -9.79 15.94 9.57
C LEU A 124 -8.52 15.21 9.96
N SER A 125 -7.84 15.71 10.99
CA SER A 125 -6.73 14.97 11.61
C SER A 125 -6.40 15.62 12.95
N ALA A 126 -6.68 14.91 14.04
CA ALA A 126 -6.54 15.46 15.39
C ALA A 126 -5.15 15.29 15.98
N ASN A 127 -4.35 14.35 15.49
CA ASN A 127 -3.04 14.09 16.07
C ASN A 127 -1.88 14.50 15.15
N VAL A 128 -2.21 15.23 14.08
CA VAL A 128 -1.22 15.76 13.15
C VAL A 128 -1.48 17.27 13.10
N ILE A 129 -0.56 18.05 13.65
CA ILE A 129 -0.85 19.46 13.93
C ILE A 129 0.28 20.37 13.43
N PRO A 130 0.03 21.15 12.36
CA PRO A 130 1.09 22.01 11.84
C PRO A 130 1.27 23.28 12.66
N ASP A 131 2.53 23.70 12.82
CA ASP A 131 2.85 24.97 13.44
C ASP A 131 2.42 26.11 12.52
N LYS A 132 2.31 27.30 13.09
CA LYS A 132 1.86 28.49 12.40
C LYS A 132 2.58 28.77 11.07
N SER A 133 3.89 28.57 11.03
CA SER A 133 4.65 28.92 9.83
C SER A 133 4.58 27.83 8.76
N SER A 134 4.04 26.68 9.10
CA SER A 134 3.92 25.58 8.13
C SER A 134 3.02 25.98 6.96
N ILE A 135 3.38 25.49 5.77
CA ILE A 135 2.53 25.71 4.60
C ILE A 135 1.21 24.93 4.73
N LEU A 136 1.15 24.02 5.71
CA LEU A 136 -0.06 23.23 5.97
C LEU A 136 -0.91 23.79 7.11
N TYR A 137 -0.51 24.93 7.68
CA TYR A 137 -1.27 25.54 8.77
C TYR A 137 -2.71 25.80 8.31
N ASN A 138 -3.68 25.46 9.17
CA ASN A 138 -5.09 25.73 8.90
C ASN A 138 -5.66 25.04 7.64
N LYS A 139 -5.09 23.91 7.25
CA LYS A 139 -5.60 23.20 6.08
C LYS A 139 -6.55 22.05 6.45
N TRP A 140 -6.62 21.73 7.74
CA TRP A 140 -7.57 20.74 8.24
C TRP A 140 -7.90 21.04 9.68
N LYS A 141 -8.90 20.35 10.21
CA LYS A 141 -9.36 20.51 11.60
C LYS A 141 -9.25 19.18 12.33
N PRO A 142 -9.19 19.21 13.67
CA PRO A 142 -9.10 17.94 14.41
C PRO A 142 -10.42 17.15 14.43
N TYR A 143 -11.55 17.82 14.37
CA TYR A 143 -12.85 17.16 14.43
C TYR A 143 -13.90 18.04 13.78
N ASP A 144 -15.09 17.47 13.56
CA ASP A 144 -16.26 18.25 13.17
C ASP A 144 -17.48 17.69 13.90
N ILE A 145 -18.50 18.53 14.08
CA ILE A 145 -19.77 18.10 14.65
C ILE A 145 -20.89 18.34 13.66
N PHE A 146 -21.68 17.32 13.38
CA PHE A 146 -22.84 17.50 12.52
C PHE A 146 -24.10 17.08 13.25
N THR A 147 -25.25 17.50 12.75
CA THR A 147 -26.51 17.25 13.43
C THR A 147 -27.41 16.37 12.58
N VAL A 148 -27.89 15.29 13.18
CA VAL A 148 -28.87 14.43 12.54
C VAL A 148 -30.14 14.47 13.37
N ASP A 149 -31.23 14.92 12.76
CA ASP A 149 -32.51 14.95 13.44
C ASP A 149 -32.39 15.55 14.84
N GLY A 150 -31.63 16.64 14.96
CA GLY A 150 -31.51 17.37 16.20
C GLY A 150 -30.40 16.91 17.13
N GLU A 151 -29.81 15.75 16.84
CA GLU A 151 -28.75 15.19 17.67
C GLU A 151 -27.36 15.54 17.14
N LYS A 152 -26.44 15.82 18.04
CA LYS A 152 -25.06 16.09 17.64
C LYS A 152 -24.23 14.81 17.56
N ILE A 153 -23.49 14.67 16.46
CA ILE A 153 -22.56 13.57 16.30
C ILE A 153 -21.19 14.16 15.97
N ALA A 154 -20.16 13.72 16.69
CA ALA A 154 -18.81 14.19 16.43
C ALA A 154 -18.03 13.18 15.60
N ILE A 155 -17.19 13.69 14.71
CA ILE A 155 -16.25 12.85 13.99
C ILE A 155 -14.84 13.41 14.17
N ILE A 156 -13.91 12.53 14.55
CA ILE A 156 -12.53 12.88 14.88
C ILE A 156 -11.61 12.20 13.86
N GLY A 157 -10.64 12.93 13.31
CA GLY A 157 -9.69 12.31 12.40
C GLY A 157 -8.44 11.86 13.13
N LEU A 158 -7.74 10.86 12.60
CA LEU A 158 -6.53 10.34 13.25
C LEU A 158 -5.60 9.69 12.24
N ASP A 159 -4.28 9.87 12.42
CA ASP A 159 -3.29 9.26 11.54
C ASP A 159 -2.36 8.33 12.29
N THR A 160 -1.77 7.38 11.57
CA THR A 160 -0.69 6.58 12.11
C THR A 160 0.55 7.47 12.31
N VAL A 161 1.23 7.30 13.45
CA VAL A 161 2.33 8.19 13.83
C VAL A 161 3.70 7.71 13.36
N ASN A 162 4.23 6.65 13.96
CA ASN A 162 5.58 6.19 13.65
C ASN A 162 5.78 5.92 12.16
N LYS A 163 4.83 5.25 11.54
CA LYS A 163 4.94 4.90 10.13
C LYS A 163 5.07 6.16 9.25
N THR A 164 4.32 7.21 9.58
CA THR A 164 4.36 8.46 8.82
C THR A 164 5.67 9.19 9.05
N VAL A 165 6.04 9.35 10.31
CA VAL A 165 7.27 10.07 10.67
C VAL A 165 8.50 9.37 10.10
N ASN A 166 8.54 8.05 10.20
CA ASN A 166 9.71 7.27 9.82
C ASN A 166 9.77 6.95 8.34
N SER A 167 8.65 6.56 7.76
CA SER A 167 8.65 6.04 6.39
C SER A 167 8.03 6.96 5.34
N SER A 168 7.51 8.10 5.77
CA SER A 168 7.09 9.15 4.85
C SER A 168 7.94 10.39 5.12
N SER A 169 7.54 11.53 4.55
CA SER A 169 8.41 12.72 4.61
C SER A 169 7.71 13.98 5.11
N PRO A 170 7.04 13.89 6.28
CA PRO A 170 6.45 15.14 6.78
C PRO A 170 7.51 16.18 7.16
N GLY A 171 7.20 17.44 6.98
CA GLY A 171 8.11 18.50 7.36
C GLY A 171 8.23 18.63 8.88
N LYS A 172 9.31 19.26 9.34
CA LYS A 172 9.57 19.37 10.77
C LYS A 172 8.56 20.25 11.50
N ASP A 173 7.85 21.10 10.75
CA ASP A 173 6.87 21.99 11.35
C ASP A 173 5.50 21.33 11.54
N VAL A 174 5.43 20.03 11.27
CA VAL A 174 4.23 19.24 11.53
C VAL A 174 4.49 18.34 12.74
N LYS A 175 3.67 18.50 13.79
CA LYS A 175 3.85 17.74 15.02
C LYS A 175 2.84 16.61 15.13
N PHE A 176 3.32 15.45 15.58
CA PHE A 176 2.50 14.25 15.70
C PHE A 176 2.30 13.86 17.17
N TYR A 177 1.12 13.36 17.50
CA TYR A 177 0.77 12.94 18.86
C TYR A 177 0.23 11.51 18.90
N ASP A 178 0.49 10.84 20.03
CA ASP A 178 0.08 9.46 20.23
C ASP A 178 -1.37 9.20 19.86
N GLU A 179 -1.60 8.12 19.13
CA GLU A 179 -2.92 7.74 18.65
C GLU A 179 -3.92 7.50 19.80
N ILE A 180 -3.56 6.64 20.76
CA ILE A 180 -4.45 6.34 21.88
C ILE A 180 -4.73 7.57 22.73
N ALA A 181 -3.70 8.30 23.12
CA ALA A 181 -3.93 9.49 23.95
C ALA A 181 -4.80 10.50 23.24
N THR A 182 -4.51 10.76 21.97
CA THR A 182 -5.31 11.74 21.24
C THR A 182 -6.77 11.33 21.15
N ALA A 183 -7.00 10.06 20.81
CA ALA A 183 -8.37 9.56 20.73
C ALA A 183 -9.12 9.76 22.05
N GLN A 184 -8.50 9.42 23.17
CA GLN A 184 -9.22 9.55 24.44
C GLN A 184 -9.42 10.99 24.85
N ILE A 185 -8.39 11.82 24.69
CA ILE A 185 -8.50 13.21 25.11
C ILE A 185 -9.54 13.92 24.25
N MET A 186 -9.52 13.65 22.94
CA MET A 186 -10.53 14.27 22.05
C MET A 186 -11.95 13.85 22.44
N ALA A 187 -12.16 12.56 22.65
CA ALA A 187 -13.50 12.07 22.97
C ALA A 187 -13.95 12.60 24.34
N ASN A 188 -13.01 12.67 25.30
CA ASN A 188 -13.35 13.12 26.65
C ASN A 188 -13.80 14.56 26.65
N ALA A 189 -13.13 15.38 25.86
CA ALA A 189 -13.48 16.81 25.77
C ALA A 189 -14.84 17.05 25.15
N LEU A 190 -15.23 16.18 24.22
CA LEU A 190 -16.51 16.34 23.53
C LEU A 190 -17.73 16.04 24.42
N LYS A 191 -17.53 15.26 25.49
CA LYS A 191 -18.63 14.85 26.34
C LYS A 191 -19.48 16.00 26.91
N GLN A 192 -18.83 17.00 27.51
CA GLN A 192 -19.54 18.08 28.19
C GLN A 192 -20.27 19.01 27.23
N GLN A 193 -20.08 18.78 25.93
CA GLN A 193 -20.81 19.54 24.93
C GLN A 193 -22.13 18.86 24.58
N GLY A 194 -22.47 17.83 25.35
CA GLY A 194 -23.72 17.11 25.17
C GLY A 194 -23.65 16.14 24.00
N ILE A 195 -22.47 15.55 23.79
CA ILE A 195 -22.26 14.63 22.68
C ILE A 195 -22.00 13.24 23.22
N ASN A 196 -22.80 12.26 22.79
CA ASN A 196 -22.62 10.89 23.21
C ASN A 196 -22.54 9.93 22.03
N LYS A 197 -22.34 10.49 20.84
CA LYS A 197 -22.20 9.71 19.62
C LYS A 197 -20.94 10.23 18.92
N ILE A 198 -19.93 9.36 18.83
CA ILE A 198 -18.61 9.76 18.34
C ILE A 198 -18.06 8.73 17.36
N ILE A 199 -17.65 9.22 16.19
CA ILE A 199 -17.06 8.41 15.14
C ILE A 199 -15.59 8.79 15.02
N LEU A 200 -14.71 7.79 14.96
CA LEU A 200 -13.29 8.03 14.76
C LEU A 200 -12.93 7.54 13.35
N LEU A 201 -12.43 8.45 12.51
CA LEU A 201 -12.00 8.17 11.15
C LEU A 201 -10.48 8.11 11.20
N SER A 202 -9.95 6.89 11.26
CA SER A 202 -8.57 6.65 11.68
C SER A 202 -7.73 5.82 10.72
N HIS A 203 -6.66 6.46 10.23
CA HIS A 203 -5.62 5.79 9.45
C HIS A 203 -4.55 5.13 10.34
N ALA A 204 -4.89 4.82 11.58
CA ALA A 204 -3.92 4.19 12.47
C ALA A 204 -3.64 2.72 12.16
N GLY A 205 -4.47 2.13 11.29
CA GLY A 205 -4.39 0.71 10.99
C GLY A 205 -5.28 -0.15 11.90
N SER A 206 -5.66 -1.33 11.41
CA SER A 206 -6.54 -2.20 12.19
C SER A 206 -5.99 -2.52 13.59
N GLU A 207 -4.70 -2.82 13.70
CA GLU A 207 -4.16 -3.25 14.98
C GLU A 207 -4.34 -2.16 16.03
N LYS A 208 -3.93 -0.94 15.69
CA LYS A 208 -4.01 0.17 16.63
C LYS A 208 -5.47 0.56 16.89
N ASN A 209 -6.31 0.52 15.87
CA ASN A 209 -7.74 0.84 16.05
C ASN A 209 -8.46 -0.19 16.94
N ILE A 210 -8.09 -1.46 16.85
CA ILE A 210 -8.61 -2.48 17.74
C ILE A 210 -8.16 -2.22 19.18
N GLU A 211 -6.90 -1.81 19.36
CA GLU A 211 -6.42 -1.40 20.67
C GLU A 211 -7.21 -0.22 21.22
N ILE A 212 -7.46 0.80 20.39
CA ILE A 212 -8.24 1.95 20.81
C ILE A 212 -9.64 1.51 21.27
N ALA A 213 -10.28 0.64 20.49
CA ALA A 213 -11.61 0.15 20.82
C ALA A 213 -11.66 -0.46 22.23
N GLN A 214 -10.58 -1.14 22.61
CA GLN A 214 -10.56 -1.86 23.89
C GLN A 214 -10.02 -1.03 25.06
N LYS A 215 -9.33 0.06 24.75
CA LYS A 215 -8.64 0.84 25.78
C LYS A 215 -9.17 2.25 25.98
N VAL A 216 -10.01 2.72 25.07
CA VAL A 216 -10.48 4.10 25.07
C VAL A 216 -12.00 4.12 25.16
N ASN A 217 -12.53 5.01 26.00
CA ASN A 217 -13.97 5.16 26.17
C ASN A 217 -14.58 6.23 25.25
N ASP A 218 -15.90 6.12 25.06
CA ASP A 218 -16.72 7.18 24.46
C ASP A 218 -16.65 7.25 22.93
N ILE A 219 -16.00 6.28 22.31
CA ILE A 219 -15.94 6.21 20.83
C ILE A 219 -16.75 5.01 20.34
N ASP A 220 -17.70 5.28 19.46
CA ASP A 220 -18.68 4.27 19.03
C ASP A 220 -18.31 3.45 17.80
N VAL A 221 -17.72 4.11 16.80
CA VAL A 221 -17.38 3.45 15.53
C VAL A 221 -16.00 3.94 15.10
N ILE A 222 -15.13 3.02 14.70
CA ILE A 222 -13.80 3.38 14.19
C ILE A 222 -13.66 2.90 12.74
N VAL A 223 -13.73 3.85 11.83
CA VAL A 223 -13.65 3.62 10.39
C VAL A 223 -12.18 3.67 10.03
N THR A 224 -11.66 2.56 9.50
CA THR A 224 -10.23 2.27 9.45
C THR A 224 -9.58 2.42 8.08
N GLY A 225 -8.34 2.91 8.10
CA GLY A 225 -7.42 2.78 6.98
C GLY A 225 -6.04 2.35 7.43
N ASP A 226 -5.20 2.07 6.44
CA ASP A 226 -3.76 1.75 6.53
C ASP A 226 -3.38 0.29 6.39
N SER A 227 -4.19 -0.60 6.94
CA SER A 227 -3.88 -2.04 6.92
C SER A 227 -4.31 -2.75 5.63
N HIS A 228 -5.21 -2.15 4.85
CA HIS A 228 -5.65 -2.72 3.56
C HIS A 228 -6.40 -4.07 3.75
N TYR A 229 -6.95 -4.32 4.93
CA TYR A 229 -7.65 -5.58 5.18
C TYR A 229 -9.06 -5.59 4.60
N LEU A 230 -9.39 -6.70 3.92
CA LEU A 230 -10.77 -6.97 3.54
C LEU A 230 -11.54 -7.47 4.77
N TYR A 231 -12.49 -6.68 5.24
CA TYR A 231 -13.44 -7.14 6.25
C TYR A 231 -14.63 -7.65 5.43
N GLY A 232 -15.00 -8.90 5.65
CA GLY A 232 -15.96 -9.55 4.77
C GLY A 232 -17.03 -10.36 5.47
N ASN A 233 -17.49 -11.39 4.79
CA ASN A 233 -18.59 -12.23 5.26
C ASN A 233 -18.55 -13.55 4.51
N ASP A 234 -19.52 -14.41 4.79
CA ASP A 234 -19.54 -15.74 4.18
C ASP A 234 -19.59 -15.71 2.66
N GLU A 235 -20.36 -14.78 2.09
CA GLU A 235 -20.39 -14.63 0.64
C GLU A 235 -18.99 -14.40 0.06
N LEU A 236 -18.26 -13.46 0.64
CA LEU A 236 -16.93 -13.15 0.11
C LEU A 236 -15.93 -14.28 0.38
N ARG A 237 -16.08 -14.96 1.51
CA ARG A 237 -15.27 -16.14 1.78
C ARG A 237 -15.50 -17.23 0.73
N SER A 238 -16.73 -17.36 0.25
CA SER A 238 -17.06 -18.41 -0.71
C SER A 238 -16.36 -18.19 -2.05
N LEU A 239 -15.98 -16.95 -2.33
CA LEU A 239 -15.26 -16.59 -3.54
C LEU A 239 -13.75 -16.64 -3.34
N LYS A 240 -13.34 -17.04 -2.14
CA LYS A 240 -11.91 -17.13 -1.80
C LYS A 240 -11.19 -15.77 -1.92
N LEU A 241 -11.95 -14.71 -1.67
CA LEU A 241 -11.35 -13.40 -1.45
C LEU A 241 -10.59 -13.39 -0.13
N PRO A 242 -9.62 -12.48 0.03
CA PRO A 242 -8.74 -12.53 1.21
C PRO A 242 -9.35 -11.87 2.46
N VAL A 243 -10.45 -12.47 2.92
CA VAL A 243 -11.17 -11.94 4.07
C VAL A 243 -10.37 -12.14 5.35
N ILE A 244 -10.13 -11.05 6.07
CA ILE A 244 -9.34 -11.10 7.29
C ILE A 244 -10.23 -11.15 8.54
N TYR A 245 -11.26 -10.32 8.55
CA TYR A 245 -12.17 -10.20 9.68
C TYR A 245 -13.59 -10.09 9.16
N GLU A 246 -14.58 -10.34 10.03
CA GLU A 246 -15.97 -10.08 9.72
C GLU A 246 -16.25 -8.57 9.66
N TYR A 247 -17.12 -8.17 8.74
CA TYR A 247 -17.53 -6.78 8.61
C TYR A 247 -18.80 -6.55 9.46
N PRO A 248 -18.71 -5.76 10.55
CA PRO A 248 -17.56 -5.15 11.24
C PRO A 248 -17.12 -6.04 12.39
N LEU A 249 -15.99 -5.71 13.02
CA LEU A 249 -15.61 -6.24 14.32
C LEU A 249 -16.32 -5.49 15.43
N GLU A 250 -16.53 -6.15 16.56
CA GLU A 250 -17.17 -5.57 17.72
C GLU A 250 -16.39 -5.85 18.99
N PHE A 251 -16.20 -4.83 19.81
CA PHE A 251 -15.51 -4.93 21.09
C PHE A 251 -16.33 -4.26 22.19
N LYS A 252 -15.89 -4.42 23.43
CA LYS A 252 -16.34 -3.58 24.53
C LYS A 252 -15.20 -2.66 24.97
N ASN A 253 -15.52 -1.39 25.20
CA ASN A 253 -14.52 -0.50 25.76
C ASN A 253 -14.44 -0.70 27.29
N PRO A 254 -13.52 -0.02 27.98
CA PRO A 254 -13.38 -0.25 29.43
C PRO A 254 -14.67 0.01 30.20
N ASN A 255 -15.52 0.90 29.68
CA ASN A 255 -16.80 1.22 30.31
C ASN A 255 -17.88 0.19 30.04
N GLY A 256 -17.60 -0.76 29.15
CA GLY A 256 -18.53 -1.83 28.84
C GLY A 256 -19.42 -1.54 27.64
N GLU A 257 -19.22 -0.40 26.97
CA GLU A 257 -20.04 -0.04 25.81
C GLU A 257 -19.49 -0.67 24.52
N PRO A 258 -20.38 -0.98 23.56
CA PRO A 258 -19.90 -1.57 22.30
C PRO A 258 -19.13 -0.57 21.45
N VAL A 259 -18.12 -1.06 20.74
CA VAL A 259 -17.36 -0.29 19.77
C VAL A 259 -17.25 -1.14 18.50
N PHE A 260 -17.51 -0.54 17.35
CA PHE A 260 -17.42 -1.24 16.07
C PHE A 260 -16.24 -0.73 15.26
N VAL A 261 -15.51 -1.64 14.62
CA VAL A 261 -14.31 -1.31 13.85
C VAL A 261 -14.39 -1.98 12.49
N MET A 262 -14.11 -1.24 11.42
CA MET A 262 -14.12 -1.87 10.10
C MET A 262 -13.27 -1.11 9.08
N GLU A 263 -12.72 -1.86 8.12
CA GLU A 263 -11.94 -1.33 7.00
C GLU A 263 -12.61 -1.78 5.70
N GLY A 264 -12.20 -1.18 4.59
CA GLY A 264 -12.77 -1.46 3.28
C GLY A 264 -11.75 -1.91 2.24
N TRP A 265 -10.91 -2.86 2.64
CA TRP A 265 -9.89 -3.42 1.73
C TRP A 265 -8.97 -2.30 1.25
N ALA A 266 -8.75 -2.16 -0.06
CA ALA A 266 -7.92 -1.08 -0.60
C ALA A 266 -8.13 -0.98 -2.11
N TYR A 267 -7.44 0.00 -2.71
CA TYR A 267 -7.30 0.12 -4.17
C TYR A 267 -8.66 0.22 -4.90
N SER A 268 -9.54 1.06 -4.35
CA SER A 268 -10.88 1.34 -4.88
C SER A 268 -11.77 0.11 -5.09
N ALA A 269 -11.55 -0.95 -4.32
CA ALA A 269 -12.26 -2.21 -4.57
C ALA A 269 -13.59 -2.37 -3.85
N VAL A 270 -13.77 -1.62 -2.75
CA VAL A 270 -14.90 -1.86 -1.85
C VAL A 270 -15.52 -0.57 -1.39
N VAL A 271 -16.85 -0.56 -1.33
CA VAL A 271 -17.58 0.46 -0.57
C VAL A 271 -18.18 -0.23 0.65
N GLY A 272 -17.75 0.17 1.84
CA GLY A 272 -18.33 -0.37 3.06
C GLY A 272 -19.63 0.36 3.39
N ASP A 273 -20.59 -0.40 3.93
CA ASP A 273 -21.96 0.07 4.12
C ASP A 273 -22.43 -0.45 5.49
N LEU A 274 -22.44 0.42 6.50
CA LEU A 274 -22.77 0.06 7.87
C LEU A 274 -23.91 0.95 8.38
N GLY A 275 -25.06 0.34 8.63
CA GLY A 275 -26.17 1.03 9.23
C GLY A 275 -26.08 0.95 10.73
N VAL A 276 -26.16 2.10 11.38
CA VAL A 276 -25.99 2.19 12.84
C VAL A 276 -27.15 2.91 13.49
N LYS A 277 -27.74 2.28 14.50
CA LYS A 277 -28.74 2.96 15.32
C LYS A 277 -28.11 3.32 16.65
N PHE A 278 -28.32 4.55 17.09
CA PHE A 278 -27.84 4.99 18.39
C PHE A 278 -29.01 5.16 19.35
N SER A 279 -28.87 4.61 20.55
CA SER A 279 -29.84 4.84 21.61
C SER A 279 -29.76 6.30 22.06
N PRO A 280 -30.76 6.77 22.83
CA PRO A 280 -30.67 8.16 23.30
C PRO A 280 -29.37 8.43 24.06
N GLU A 281 -28.88 7.41 24.76
CA GLU A 281 -27.65 7.52 25.55
C GLU A 281 -26.39 7.36 24.67
N GLY A 282 -26.56 7.14 23.38
CA GLY A 282 -25.44 7.11 22.47
C GLY A 282 -24.77 5.75 22.33
N ILE A 283 -25.51 4.68 22.64
CA ILE A 283 -25.00 3.33 22.44
C ILE A 283 -25.33 2.85 21.02
N ALA A 284 -24.32 2.39 20.28
CA ALA A 284 -24.50 1.97 18.89
C ALA A 284 -24.91 0.51 18.76
N SER A 285 -25.82 0.25 17.81
CA SER A 285 -26.18 -1.10 17.39
C SER A 285 -26.22 -1.13 15.88
N ILE A 286 -26.00 -2.32 15.31
CA ILE A 286 -25.91 -2.49 13.86
C ILE A 286 -27.24 -2.91 13.25
N THR A 287 -27.67 -2.19 12.21
CA THR A 287 -28.90 -2.49 11.50
C THR A 287 -28.66 -3.01 10.08
N ARG A 288 -27.45 -2.83 9.56
CA ARG A 288 -27.13 -3.24 8.19
C ARG A 288 -25.62 -3.31 8.11
N LYS A 289 -25.09 -4.33 7.44
CA LYS A 289 -23.64 -4.50 7.35
C LYS A 289 -23.31 -5.22 6.04
N ILE A 290 -22.84 -4.46 5.05
CA ILE A 290 -22.52 -5.01 3.75
C ILE A 290 -21.20 -4.43 3.22
N PRO A 291 -20.20 -5.29 3.05
CA PRO A 291 -19.00 -4.85 2.32
C PRO A 291 -19.19 -5.08 0.81
N HIS A 292 -19.47 -4.02 0.07
CA HIS A 292 -19.74 -4.15 -1.37
C HIS A 292 -18.45 -4.24 -2.18
N VAL A 293 -18.19 -5.39 -2.79
CA VAL A 293 -17.06 -5.51 -3.71
C VAL A 293 -17.51 -5.08 -5.10
N LEU A 294 -16.80 -4.11 -5.66
CA LEU A 294 -17.13 -3.52 -6.95
C LEU A 294 -16.46 -4.33 -8.05
N MET A 295 -17.25 -4.98 -8.89
CA MET A 295 -16.72 -5.93 -9.87
C MET A 295 -17.30 -5.72 -11.26
N SER A 296 -16.46 -5.88 -12.28
CA SER A 296 -16.92 -5.88 -13.66
C SER A 296 -17.48 -7.25 -14.06
N SER A 297 -18.48 -7.23 -14.94
CA SER A 297 -19.02 -8.47 -15.49
C SER A 297 -18.31 -8.88 -16.77
N HIS A 298 -17.37 -8.07 -17.24
CA HIS A 298 -16.85 -8.20 -18.60
C HIS A 298 -15.62 -9.10 -18.74
N LYS A 299 -14.86 -9.26 -17.67
CA LYS A 299 -13.72 -10.18 -17.68
C LYS A 299 -14.02 -11.36 -16.78
N LEU A 300 -14.17 -12.52 -17.40
CA LEU A 300 -14.38 -13.75 -16.65
C LEU A 300 -13.51 -14.82 -17.30
N GLN A 301 -12.24 -14.85 -16.92
CA GLN A 301 -11.26 -15.72 -17.57
C GLN A 301 -10.84 -16.90 -16.69
N VAL A 302 -10.79 -18.08 -17.29
CA VAL A 302 -10.29 -19.26 -16.62
C VAL A 302 -9.16 -19.88 -17.44
N LYS A 303 -8.26 -20.60 -16.78
CA LYS A 303 -7.09 -21.17 -17.44
C LYS A 303 -7.45 -22.48 -18.15
N ASN A 304 -7.15 -22.56 -19.44
CA ASN A 304 -7.47 -23.77 -20.19
C ASN A 304 -6.36 -24.81 -20.12
N SER A 305 -6.53 -25.93 -20.83
CA SER A 305 -5.61 -27.05 -20.72
C SER A 305 -4.24 -26.78 -21.34
N GLU A 306 -4.14 -25.74 -22.16
CA GLU A 306 -2.85 -25.33 -22.71
C GLU A 306 -2.21 -24.26 -21.84
N GLY A 307 -2.85 -23.93 -20.73
CA GLY A 307 -2.31 -22.98 -19.78
C GLY A 307 -2.62 -21.52 -20.08
N LYS A 308 -3.57 -21.29 -20.97
CA LYS A 308 -3.93 -19.93 -21.37
C LYS A 308 -5.22 -19.45 -20.70
N TRP A 309 -5.21 -18.21 -20.24
CA TRP A 309 -6.41 -17.61 -19.65
C TRP A 309 -7.35 -17.15 -20.75
N ALA A 310 -8.57 -17.68 -20.74
CA ALA A 310 -9.54 -17.41 -21.81
C ALA A 310 -10.91 -17.04 -21.25
N GLU A 311 -11.62 -16.17 -21.95
CA GLU A 311 -12.97 -15.77 -21.53
C GLU A 311 -13.98 -16.90 -21.59
N LEU A 312 -14.78 -17.02 -20.54
CA LEU A 312 -15.92 -17.94 -20.53
C LEU A 312 -16.88 -17.59 -21.65
N THR A 313 -17.57 -18.61 -22.18
CA THR A 313 -18.52 -18.43 -23.26
C THR A 313 -19.74 -19.31 -23.02
N GLY A 314 -20.83 -19.05 -23.76
CA GLY A 314 -22.03 -19.86 -23.69
C GLY A 314 -22.62 -20.04 -22.30
N ASP A 315 -23.10 -21.24 -22.01
CA ASP A 315 -23.77 -21.52 -20.75
C ASP A 315 -22.84 -21.34 -19.54
N GLU A 316 -21.56 -21.66 -19.70
CA GLU A 316 -20.61 -21.51 -18.60
C GLU A 316 -20.49 -20.04 -18.19
N ARG A 317 -20.49 -19.14 -19.17
CA ARG A 317 -20.42 -17.71 -18.85
C ARG A 317 -21.71 -17.26 -18.17
N LYS A 318 -22.85 -17.74 -18.67
CA LYS A 318 -24.13 -17.40 -18.09
C LYS A 318 -24.22 -17.83 -16.62
N LYS A 319 -23.74 -19.04 -16.31
CA LYS A 319 -23.76 -19.53 -14.93
C LYS A 319 -22.87 -18.69 -14.01
N ALA A 320 -21.72 -18.28 -14.54
CA ALA A 320 -20.80 -17.42 -13.81
C ALA A 320 -21.47 -16.09 -13.46
N LEU A 321 -22.10 -15.47 -14.46
CA LEU A 321 -22.79 -14.21 -14.28
C LEU A 321 -23.96 -14.35 -13.31
N ASP A 322 -24.73 -15.42 -13.46
CA ASP A 322 -25.87 -15.64 -12.57
C ASP A 322 -25.42 -15.75 -11.11
N THR A 323 -24.33 -16.46 -10.87
CA THR A 323 -23.82 -16.58 -9.50
C THR A 323 -23.47 -15.20 -8.92
N LEU A 324 -22.72 -14.41 -9.67
CA LEU A 324 -22.33 -13.08 -9.21
C LEU A 324 -23.55 -12.18 -8.97
N LYS A 325 -24.53 -12.24 -9.87
CA LYS A 325 -25.72 -11.41 -9.75
C LYS A 325 -26.57 -11.76 -8.53
N SER A 326 -26.44 -13.00 -8.05
CA SER A 326 -27.27 -13.45 -6.93
C SER A 326 -26.68 -13.03 -5.58
N MET A 327 -25.48 -12.46 -5.59
CA MET A 327 -24.79 -12.15 -4.34
C MET A 327 -24.98 -10.72 -3.88
N LYS A 328 -25.39 -10.57 -2.62
CA LYS A 328 -25.65 -9.27 -2.01
C LYS A 328 -24.41 -8.40 -1.92
N SER A 329 -23.25 -9.03 -1.74
CA SER A 329 -22.01 -8.30 -1.45
C SER A 329 -21.16 -8.03 -2.70
N ILE A 330 -21.66 -8.43 -3.88
CA ILE A 330 -21.01 -8.12 -5.15
C ILE A 330 -21.87 -7.10 -5.87
N SER A 331 -21.24 -6.04 -6.37
CA SER A 331 -21.97 -5.04 -7.13
C SER A 331 -21.34 -4.96 -8.52
N LEU A 332 -22.10 -5.32 -9.55
CA LEU A 332 -21.57 -5.39 -10.91
C LEU A 332 -21.78 -4.13 -11.74
N ASP A 333 -20.70 -3.69 -12.41
CA ASP A 333 -20.76 -2.69 -13.47
C ASP A 333 -21.32 -1.34 -13.04
N ASP A 334 -21.03 -0.91 -11.82
CA ASP A 334 -21.39 0.46 -11.45
C ASP A 334 -20.51 1.44 -12.22
N HIS A 335 -21.11 2.48 -12.76
CA HIS A 335 -20.32 3.54 -13.38
C HIS A 335 -21.02 4.88 -13.32
N ASP A 336 -20.24 5.94 -13.11
CA ASP A 336 -20.76 7.27 -12.91
C ASP A 336 -20.37 8.14 -14.09
N ALA A 337 -21.34 8.79 -14.71
CA ALA A 337 -21.09 9.56 -15.93
C ALA A 337 -20.05 10.66 -15.73
N LYS A 338 -20.20 11.45 -14.67
CA LYS A 338 -19.23 12.52 -14.40
C LYS A 338 -17.82 11.95 -14.20
N THR A 339 -17.71 10.89 -13.40
CA THR A 339 -16.41 10.31 -13.10
C THR A 339 -15.80 9.65 -14.34
N ASP A 340 -16.63 9.04 -15.19
CA ASP A 340 -16.18 8.49 -16.46
C ASP A 340 -15.53 9.57 -17.33
N LYS A 341 -16.13 10.76 -17.37
CA LYS A 341 -15.59 11.87 -18.14
C LYS A 341 -14.23 12.32 -17.60
N LEU A 342 -14.11 12.42 -16.28
CA LEU A 342 -12.85 12.81 -15.65
C LEU A 342 -11.77 11.78 -15.95
N ILE A 343 -12.09 10.50 -15.79
CA ILE A 343 -11.09 9.47 -15.99
C ILE A 343 -10.64 9.38 -17.45
N ALA A 344 -11.56 9.57 -18.39
CA ALA A 344 -11.21 9.59 -19.81
C ALA A 344 -10.22 10.71 -20.10
N LYS A 345 -10.48 11.87 -19.53
CA LYS A 345 -9.60 13.02 -19.69
C LYS A 345 -8.21 12.75 -19.12
N TYR A 346 -8.16 12.22 -17.89
CA TYR A 346 -6.88 11.96 -17.23
C TYR A 346 -6.12 10.81 -17.88
N LYS A 347 -6.85 9.80 -18.34
CA LYS A 347 -6.22 8.67 -19.02
C LYS A 347 -5.51 9.13 -20.31
N SER A 348 -6.17 9.96 -21.10
CA SER A 348 -5.57 10.53 -22.30
C SER A 348 -4.35 11.39 -21.97
N GLU A 349 -4.47 12.25 -20.96
CA GLU A 349 -3.33 13.06 -20.54
C GLU A 349 -2.18 12.19 -20.04
N LYS A 350 -2.51 11.16 -19.26
CA LYS A 350 -1.53 10.24 -18.71
C LYS A 350 -0.69 9.60 -19.82
N ASP A 351 -1.34 9.20 -20.90
CA ASP A 351 -0.65 8.53 -22.00
C ASP A 351 0.39 9.45 -22.67
N ARG A 352 0.10 10.75 -22.69
CA ARG A 352 1.04 11.73 -23.22
C ARG A 352 2.19 11.95 -22.21
N LEU A 353 1.83 12.21 -20.96
CA LEU A 353 2.80 12.57 -19.93
C LEU A 353 3.77 11.44 -19.60
N ALA A 354 3.32 10.19 -19.73
CA ALA A 354 4.15 9.05 -19.38
C ALA A 354 5.31 8.85 -20.35
N GLN A 355 5.23 9.48 -21.52
CA GLN A 355 6.28 9.41 -22.53
C GLN A 355 7.36 10.47 -22.31
N GLU A 356 7.13 11.37 -21.36
CA GLU A 356 8.12 12.39 -21.05
C GLU A 356 9.33 11.81 -20.30
N ILE A 357 10.47 12.50 -20.41
CA ILE A 357 11.72 12.01 -19.87
C ILE A 357 11.83 12.33 -18.38
N VAL A 358 12.14 11.32 -17.58
CA VAL A 358 12.34 11.53 -16.15
C VAL A 358 13.81 11.71 -15.81
N GLY A 359 14.69 11.13 -16.62
CA GLY A 359 16.12 11.32 -16.43
C GLY A 359 16.91 10.77 -17.59
N VAL A 360 18.21 11.04 -17.57
CA VAL A 360 19.13 10.58 -18.61
C VAL A 360 20.27 9.83 -17.97
N ILE A 361 20.60 8.67 -18.54
CA ILE A 361 21.74 7.90 -18.06
C ILE A 361 22.89 8.02 -19.05
N THR A 362 24.07 8.34 -18.52
CA THR A 362 25.28 8.40 -19.33
C THR A 362 26.23 7.28 -18.91
N GLY A 363 27.20 6.99 -19.77
CA GLY A 363 28.16 5.94 -19.47
C GLY A 363 27.82 4.62 -20.14
N SER A 364 28.36 3.55 -19.58
CA SER A 364 28.22 2.22 -20.17
C SER A 364 26.97 1.51 -19.70
N ALA A 365 26.47 0.59 -20.53
CA ALA A 365 25.33 -0.23 -20.17
C ALA A 365 25.56 -0.92 -18.84
N MET A 366 24.50 -1.02 -18.04
CA MET A 366 24.54 -1.77 -16.80
C MET A 366 23.96 -3.16 -17.05
N PRO A 367 24.80 -4.20 -17.08
CA PRO A 367 24.33 -5.53 -17.46
C PRO A 367 23.24 -6.05 -16.54
N GLY A 368 22.24 -6.70 -17.14
CA GLY A 368 21.15 -7.32 -16.41
C GLY A 368 20.61 -8.49 -17.19
N GLY A 369 19.39 -8.91 -16.86
CA GLY A 369 18.76 -10.01 -17.55
C GLY A 369 19.38 -11.34 -17.17
N SER A 370 18.90 -12.40 -17.81
CA SER A 370 19.30 -13.76 -17.45
C SER A 370 20.79 -14.04 -17.60
N ALA A 371 21.39 -13.51 -18.66
CA ALA A 371 22.79 -13.79 -18.95
C ALA A 371 23.73 -13.29 -17.86
N ASN A 372 23.34 -12.23 -17.17
CA ASN A 372 24.22 -11.57 -16.21
C ASN A 372 23.85 -11.80 -14.75
N ARG A 373 23.00 -12.78 -14.48
CA ARG A 373 22.52 -13.01 -13.13
C ARG A 373 23.63 -13.30 -12.12
N ILE A 374 24.60 -14.09 -12.54
CA ILE A 374 25.71 -14.48 -11.65
C ILE A 374 27.03 -13.99 -12.22
N PRO A 375 27.83 -13.29 -11.40
CA PRO A 375 29.08 -12.74 -11.91
C PRO A 375 30.07 -13.84 -12.26
N ASN A 376 30.92 -13.59 -13.26
CA ASN A 376 32.02 -14.48 -13.59
C ASN A 376 31.60 -15.87 -14.09
N LYS A 377 30.39 -15.98 -14.61
CA LYS A 377 29.94 -17.20 -15.26
C LYS A 377 29.98 -17.03 -16.78
N ALA A 378 30.04 -18.14 -17.50
CA ALA A 378 30.03 -18.10 -18.96
C ALA A 378 28.84 -17.30 -19.46
N GLY A 379 29.11 -16.35 -20.36
CA GLY A 379 28.06 -15.54 -20.94
C GLY A 379 27.71 -14.33 -20.08
N SER A 380 28.28 -14.25 -18.88
CA SER A 380 28.07 -13.13 -17.98
C SER A 380 29.21 -12.13 -18.09
N ASN A 381 29.44 -11.38 -17.01
CA ASN A 381 30.57 -10.47 -16.93
C ASN A 381 31.11 -10.48 -15.49
N PRO A 382 32.29 -9.89 -15.27
CA PRO A 382 32.91 -9.97 -13.94
C PRO A 382 32.09 -9.35 -12.81
N GLU A 383 31.24 -8.37 -13.13
CA GLU A 383 30.42 -7.71 -12.11
C GLU A 383 29.03 -8.32 -11.99
N GLY A 384 28.64 -9.14 -12.97
CA GLY A 384 27.32 -9.72 -12.97
C GLY A 384 26.25 -8.67 -13.23
N SER A 385 25.17 -8.74 -12.47
CA SER A 385 24.00 -7.92 -12.74
C SER A 385 24.07 -6.54 -12.08
N ILE A 386 24.82 -5.63 -12.69
CA ILE A 386 24.92 -4.26 -12.18
C ILE A 386 23.54 -3.61 -12.18
N ALA A 387 22.71 -3.97 -13.15
CA ALA A 387 21.34 -3.45 -13.20
C ALA A 387 20.55 -3.80 -11.93
N THR A 388 20.81 -4.97 -11.35
CA THR A 388 20.16 -5.33 -10.10
C THR A 388 20.63 -4.45 -8.94
N ARG A 389 21.93 -4.16 -8.88
CA ARG A 389 22.44 -3.19 -7.91
C ARG A 389 21.73 -1.85 -8.06
N PHE A 390 21.54 -1.40 -9.30
CA PHE A 390 20.80 -0.18 -9.58
C PHE A 390 19.39 -0.24 -8.97
N ILE A 391 18.67 -1.33 -9.23
CA ILE A 391 17.33 -1.46 -8.69
C ILE A 391 17.36 -1.44 -7.15
N ALA A 392 18.34 -2.12 -6.57
CA ALA A 392 18.50 -2.08 -5.11
C ALA A 392 18.71 -0.65 -4.61
N GLU A 393 19.47 0.14 -5.36
CA GLU A 393 19.68 1.55 -4.99
C GLU A 393 18.38 2.36 -5.04
N THR A 394 17.49 2.07 -5.99
CA THR A 394 16.23 2.78 -6.07
C THR A 394 15.37 2.46 -4.84
N MET A 395 15.47 1.24 -4.34
CA MET A 395 14.76 0.83 -3.14
C MET A 395 15.36 1.48 -1.89
N TYR A 396 16.68 1.53 -1.84
CA TYR A 396 17.40 2.10 -0.71
C TYR A 396 17.05 3.58 -0.54
N ASN A 397 16.82 4.25 -1.65
CA ASN A 397 16.50 5.66 -1.66
C ASN A 397 15.12 6.02 -1.09
N GLU A 398 14.22 5.03 -0.99
CA GLU A 398 12.85 5.29 -0.54
C GLU A 398 12.73 5.74 0.91
N LEU A 399 13.41 5.05 1.81
CA LEU A 399 13.21 5.23 3.25
C LEU A 399 14.48 5.74 3.93
N LYS A 400 14.38 6.87 4.62
CA LYS A 400 15.56 7.42 5.30
C LYS A 400 16.08 6.49 6.40
N THR A 401 15.23 5.58 6.85
CA THR A 401 15.52 4.68 7.96
C THR A 401 16.26 3.41 7.55
N VAL A 402 16.17 3.04 6.28
CA VAL A 402 16.70 1.75 5.84
C VAL A 402 18.23 1.69 5.79
N ASP A 403 18.79 0.62 6.34
CA ASP A 403 20.24 0.43 6.37
C ASP A 403 20.80 -0.23 5.10
N LEU A 404 20.02 -1.12 4.52
CA LEU A 404 20.48 -1.84 3.33
C LEU A 404 19.28 -2.43 2.63
N THR A 405 19.41 -2.64 1.33
CA THR A 405 18.37 -3.33 0.57
C THR A 405 18.97 -4.49 -0.21
N ILE A 406 18.16 -5.50 -0.48
CA ILE A 406 18.57 -6.68 -1.24
C ILE A 406 17.54 -6.96 -2.33
N GLN A 407 18.02 -7.15 -3.55
CA GLN A 407 17.18 -7.41 -4.73
C GLN A 407 17.68 -8.66 -5.44
N ASN A 408 16.77 -9.51 -5.90
CA ASN A 408 17.14 -10.71 -6.66
C ASN A 408 17.35 -10.41 -8.14
N ALA A 409 18.39 -11.00 -8.73
CA ALA A 409 18.76 -10.74 -10.13
C ALA A 409 17.64 -11.06 -11.13
N GLY A 410 16.79 -12.01 -10.80
CA GLY A 410 15.69 -12.38 -11.69
C GLY A 410 14.62 -11.31 -11.80
N GLY A 411 14.71 -10.30 -10.94
CA GLY A 411 13.74 -9.22 -10.94
C GLY A 411 14.09 -8.14 -11.96
N VAL A 412 15.18 -8.34 -12.68
CA VAL A 412 15.62 -7.42 -13.72
C VAL A 412 15.83 -8.18 -15.03
N ARG A 413 15.06 -7.86 -16.06
CA ARG A 413 14.94 -8.70 -17.24
C ARG A 413 15.88 -8.36 -18.39
N ALA A 414 16.59 -7.25 -18.29
CA ALA A 414 17.48 -6.83 -19.37
C ALA A 414 18.52 -5.84 -18.88
N ASP A 415 19.55 -5.61 -19.70
CA ASP A 415 20.53 -4.59 -19.41
C ASP A 415 19.80 -3.25 -19.36
N ILE A 416 20.31 -2.33 -18.56
CA ILE A 416 19.83 -0.96 -18.57
C ILE A 416 20.84 -0.13 -19.35
N LEU A 417 20.41 0.38 -20.50
CA LEU A 417 21.30 1.04 -21.45
C LEU A 417 21.31 2.55 -21.26
N PRO A 418 22.41 3.20 -21.64
CA PRO A 418 22.48 4.67 -21.56
C PRO A 418 21.42 5.33 -22.43
N GLY A 419 21.04 6.55 -22.08
CA GLY A 419 20.07 7.30 -22.86
C GLY A 419 18.92 7.81 -22.02
N ASN A 420 17.87 8.26 -22.69
CA ASN A 420 16.69 8.79 -22.00
C ASN A 420 15.88 7.70 -21.31
N VAL A 421 15.38 8.02 -20.12
CA VAL A 421 14.47 7.14 -19.38
C VAL A 421 13.15 7.86 -19.18
N THR A 422 12.07 7.28 -19.68
CA THR A 422 10.74 7.86 -19.51
C THR A 422 10.00 7.17 -18.36
N PHE A 423 8.85 7.72 -17.97
CA PHE A 423 8.01 7.08 -16.96
C PHE A 423 7.61 5.68 -17.41
N ASN A 424 7.23 5.54 -18.68
CA ASN A 424 6.85 4.22 -19.22
C ASN A 424 8.00 3.24 -19.11
N ASP A 425 9.21 3.73 -19.36
CA ASP A 425 10.38 2.87 -19.31
C ASP A 425 10.57 2.19 -17.95
N ALA A 426 10.26 2.92 -16.87
CA ALA A 426 10.38 2.34 -15.53
C ALA A 426 9.46 1.13 -15.35
N TYR A 427 8.25 1.25 -15.86
CA TYR A 427 7.29 0.14 -15.81
C TYR A 427 7.69 -0.99 -16.76
N THR A 428 8.51 -0.68 -17.76
CA THR A 428 9.10 -1.70 -18.63
C THR A 428 10.24 -2.42 -17.94
N PHE A 429 11.08 -1.66 -17.23
CA PHE A 429 12.21 -2.22 -16.49
C PHE A 429 11.71 -3.20 -15.44
N LEU A 430 10.58 -2.88 -14.81
CA LEU A 430 10.10 -3.58 -13.63
C LEU A 430 8.63 -3.96 -13.83
N PRO A 431 8.40 -5.15 -14.40
CA PRO A 431 7.05 -5.58 -14.81
C PRO A 431 6.29 -6.42 -13.78
N PHE A 432 6.88 -6.71 -12.63
CA PHE A 432 6.29 -7.68 -11.70
C PHE A 432 5.31 -7.09 -10.68
N GLY A 433 5.33 -5.78 -10.52
CA GLY A 433 4.43 -5.12 -9.60
C GLY A 433 4.74 -5.33 -8.12
N ASN A 434 6.02 -5.47 -7.79
CA ASN A 434 6.42 -5.59 -6.39
C ASN A 434 6.31 -4.27 -5.65
N THR A 435 6.15 -4.35 -4.33
CA THR A 435 6.30 -3.17 -3.48
C THR A 435 7.49 -3.42 -2.56
N LEU A 436 7.97 -2.35 -1.94
CA LEU A 436 9.08 -2.45 -0.99
C LEU A 436 8.57 -2.98 0.35
N TYR A 437 9.29 -3.95 0.91
CA TYR A 437 8.91 -4.63 2.16
C TYR A 437 10.12 -4.56 3.11
N THR A 438 9.91 -4.26 4.39
CA THR A 438 11.04 -4.21 5.32
C THR A 438 10.93 -5.17 6.48
N TYR A 439 12.10 -5.57 6.99
CA TYR A 439 12.23 -6.32 8.23
C TYR A 439 13.29 -5.66 9.09
N LYS A 440 13.15 -5.80 10.41
CA LYS A 440 14.18 -5.37 11.35
C LYS A 440 14.84 -6.64 11.85
N MET A 441 16.11 -6.85 11.50
CA MET A 441 16.72 -8.16 11.66
C MET A 441 18.22 -8.07 11.94
N GLU A 442 18.70 -9.00 12.77
CA GLU A 442 20.11 -9.04 13.16
C GLU A 442 21.03 -9.32 11.98
N GLY A 443 22.25 -8.82 12.07
CA GLY A 443 23.25 -9.03 11.03
C GLY A 443 23.47 -10.50 10.69
N SER A 444 23.37 -11.37 11.69
CA SER A 444 23.55 -12.80 11.45
C SER A 444 22.50 -13.35 10.48
N LEU A 445 21.29 -12.80 10.57
CA LEU A 445 20.21 -13.21 9.66
C LEU A 445 20.39 -12.62 8.27
N VAL A 446 20.99 -11.45 8.20
CA VAL A 446 21.31 -10.84 6.90
C VAL A 446 22.30 -11.75 6.17
N LYS A 447 23.32 -12.20 6.88
CA LYS A 447 24.27 -13.14 6.31
C LYS A 447 23.54 -14.40 5.82
N GLN A 448 22.67 -14.93 6.66
CA GLN A 448 21.97 -16.16 6.31
C GLN A 448 21.09 -16.02 5.06
N VAL A 449 20.39 -14.91 4.92
CA VAL A 449 19.53 -14.77 3.74
C VAL A 449 20.37 -14.69 2.45
N LEU A 450 21.54 -14.05 2.51
CA LEU A 450 22.45 -14.05 1.36
C LEU A 450 22.91 -15.47 1.04
N GLU A 451 23.23 -16.24 2.09
CA GLU A 451 23.61 -17.64 1.89
C GLU A 451 22.47 -18.42 1.24
N ASP A 452 21.25 -18.22 1.74
CA ASP A 452 20.07 -18.89 1.20
C ASP A 452 19.91 -18.59 -0.29
N ALA A 453 19.98 -17.30 -0.64
CA ALA A 453 19.76 -16.89 -2.02
C ALA A 453 20.81 -17.46 -2.96
N MET A 454 22.07 -17.42 -2.57
CA MET A 454 23.15 -18.00 -3.37
C MET A 454 22.98 -19.51 -3.56
N GLN A 455 22.58 -20.19 -2.50
CA GLN A 455 22.36 -21.64 -2.58
C GLN A 455 21.28 -21.99 -3.61
N PHE A 456 20.18 -21.23 -3.62
CA PHE A 456 19.10 -21.46 -4.57
C PHE A 456 19.59 -21.14 -5.99
N ALA A 457 20.31 -20.03 -6.14
CA ALA A 457 20.78 -19.59 -7.46
C ALA A 457 21.77 -20.57 -8.09
N LEU A 458 22.62 -21.16 -7.26
CA LEU A 458 23.74 -21.95 -7.75
C LEU A 458 23.46 -23.44 -7.79
N VAL A 459 22.54 -23.91 -6.94
CA VAL A 459 22.32 -25.35 -6.81
C VAL A 459 20.86 -25.78 -6.90
N ASP A 460 20.02 -25.26 -6.00
CA ASP A 460 18.68 -25.81 -5.80
C ASP A 460 17.61 -25.30 -6.76
N GLY A 461 17.81 -24.13 -7.35
CA GLY A 461 16.77 -23.53 -8.17
C GLY A 461 17.20 -22.54 -9.23
N SER A 462 16.40 -21.50 -9.41
CA SER A 462 16.59 -20.51 -10.46
C SER A 462 17.76 -19.56 -10.19
N THR A 463 18.56 -19.29 -11.22
CA THR A 463 19.67 -18.35 -11.09
C THR A 463 19.17 -16.96 -10.77
N GLY A 464 17.87 -16.72 -10.98
CA GLY A 464 17.29 -15.42 -10.70
C GLY A 464 17.29 -15.05 -9.22
N ALA A 465 17.59 -16.00 -8.36
CA ALA A 465 17.65 -15.74 -6.92
C ALA A 465 18.91 -14.97 -6.49
N PHE A 466 19.91 -14.91 -7.36
CA PHE A 466 21.21 -14.37 -6.94
C PHE A 466 21.05 -12.94 -6.43
N PRO A 467 21.55 -12.65 -5.21
CA PRO A 467 21.27 -11.37 -4.54
C PRO A 467 22.31 -10.27 -4.79
N TYR A 468 21.82 -9.06 -4.97
CA TYR A 468 22.67 -7.87 -5.05
C TYR A 468 22.05 -6.82 -4.14
N GLY A 469 22.87 -5.98 -3.53
CA GLY A 469 22.39 -5.02 -2.55
C GLY A 469 22.86 -3.59 -2.71
N ALA A 470 22.19 -2.71 -1.98
CA ALA A 470 22.57 -1.31 -1.86
C ALA A 470 22.76 -1.03 -0.37
N GLY A 471 23.85 -0.33 -0.02
CA GLY A 471 24.17 -0.13 1.38
C GLY A 471 24.78 -1.37 2.03
N ILE A 472 24.89 -2.43 1.24
CA ILE A 472 25.54 -3.67 1.66
C ILE A 472 26.34 -4.19 0.47
N ARG A 473 27.54 -4.71 0.74
CA ARG A 473 28.36 -5.30 -0.30
C ARG A 473 29.04 -6.52 0.28
N TYR A 474 29.32 -7.51 -0.57
CA TYR A 474 29.89 -8.75 -0.06
C TYR A 474 30.78 -9.44 -1.08
N GLU A 475 31.65 -10.30 -0.55
CA GLU A 475 32.44 -11.21 -1.37
C GLU A 475 32.03 -12.62 -0.97
N ALA A 476 31.96 -13.50 -1.96
CA ALA A 476 31.56 -14.88 -1.73
C ALA A 476 32.27 -15.81 -2.70
N ASN A 477 32.40 -17.07 -2.30
CA ASN A 477 32.96 -18.11 -3.17
C ASN A 477 31.84 -19.02 -3.67
N GLU A 478 31.95 -19.49 -4.92
CA GLU A 478 30.97 -20.44 -5.43
C GLU A 478 31.00 -21.73 -4.64
N THR A 479 32.20 -22.16 -4.27
CA THR A 479 32.38 -23.39 -3.50
C THR A 479 32.28 -23.12 -2.00
N PRO A 480 31.30 -23.73 -1.33
CA PRO A 480 31.17 -23.52 0.13
C PRO A 480 32.39 -24.03 0.88
N ASN A 481 32.70 -23.41 2.01
CA ASN A 481 33.82 -23.85 2.85
C ASN A 481 33.45 -25.02 3.73
N ALA A 482 34.36 -25.39 4.63
CA ALA A 482 34.16 -26.55 5.50
C ALA A 482 32.87 -26.44 6.31
N GLU A 483 32.51 -25.21 6.68
CA GLU A 483 31.33 -24.97 7.49
C GLU A 483 30.06 -24.80 6.66
N GLY A 484 30.20 -24.98 5.34
CA GLY A 484 29.07 -24.89 4.43
C GLY A 484 28.70 -23.49 3.99
N LYS A 485 29.58 -22.53 4.26
CA LYS A 485 29.32 -21.13 3.97
C LYS A 485 30.05 -20.62 2.73
N ARG A 486 29.38 -19.77 1.95
CA ARG A 486 30.00 -19.15 0.78
C ARG A 486 30.51 -17.74 1.05
N LEU A 487 29.97 -17.06 2.05
CA LEU A 487 30.37 -15.68 2.32
C LEU A 487 31.80 -15.56 2.81
N VAL A 488 32.50 -14.58 2.26
CA VAL A 488 33.89 -14.28 2.64
C VAL A 488 33.94 -13.01 3.48
N SER A 489 33.22 -11.99 3.05
CA SER A 489 33.16 -10.73 3.79
C SER A 489 31.82 -10.03 3.52
N VAL A 490 31.31 -9.30 4.51
CA VAL A 490 30.10 -8.50 4.35
C VAL A 490 30.27 -7.16 5.03
N GLU A 491 30.03 -6.09 4.29
CA GLU A 491 30.09 -4.73 4.82
C GLU A 491 28.76 -4.02 4.64
N VAL A 492 28.47 -3.14 5.58
CA VAL A 492 27.29 -2.29 5.50
C VAL A 492 27.70 -0.81 5.59
N LEU A 493 27.10 0.02 4.75
CA LEU A 493 27.39 1.45 4.72
C LEU A 493 26.81 2.16 5.95
N ASN A 494 27.68 2.82 6.70
CA ASN A 494 27.23 3.64 7.83
C ASN A 494 26.50 4.86 7.29
N LYS A 495 25.19 4.94 7.55
CA LYS A 495 24.36 5.97 6.96
C LYS A 495 24.62 7.36 7.55
N THR A 497 27.81 8.35 8.87
CA THR A 497 29.22 8.67 8.68
C THR A 497 29.64 8.46 7.22
N GLN A 498 28.85 7.67 6.51
CA GLN A 498 29.09 7.41 5.08
C GLN A 498 30.38 6.62 4.83
N GLN A 499 30.79 5.84 5.81
CA GLN A 499 31.92 4.93 5.66
C GLN A 499 31.42 3.49 5.69
N TRP A 500 32.02 2.63 4.87
CA TRP A 500 31.69 1.21 4.93
C TRP A 500 32.30 0.58 6.18
N GLU A 501 31.54 -0.27 6.85
CA GLU A 501 31.97 -0.94 8.07
C GLU A 501 31.62 -2.42 7.98
N PRO A 502 32.34 -3.27 8.73
CA PRO A 502 31.97 -4.68 8.77
C PRO A 502 30.56 -4.85 9.33
N ILE A 503 29.79 -5.78 8.80
CA ILE A 503 28.47 -6.05 9.36
C ILE A 503 28.66 -6.58 10.78
N ASP A 504 27.72 -6.26 11.66
CA ASP A 504 27.74 -6.68 13.05
C ASP A 504 26.65 -7.73 13.26
N ASP A 505 27.06 -8.97 13.58
CA ASP A 505 26.12 -10.07 13.74
C ASP A 505 24.97 -9.78 14.69
N ASN A 506 25.22 -8.93 15.68
CA ASN A 506 24.24 -8.71 16.75
C ASN A 506 23.43 -7.42 16.61
N LYS A 507 23.86 -6.54 15.71
CA LYS A 507 23.12 -5.31 15.45
C LYS A 507 21.86 -5.62 14.63
N ARG A 508 20.76 -4.97 15.01
CA ARG A 508 19.50 -5.11 14.26
C ARG A 508 19.44 -4.04 13.18
N TYR A 509 19.43 -4.48 11.92
CA TYR A 509 19.37 -3.60 10.77
C TYR A 509 17.95 -3.50 10.23
N LEU A 510 17.59 -2.34 9.70
CA LEU A 510 16.35 -2.22 8.93
C LEU A 510 16.68 -2.55 7.48
N VAL A 511 16.10 -3.65 7.00
CA VAL A 511 16.43 -4.22 5.70
C VAL A 511 15.22 -4.12 4.78
N GLY A 512 15.44 -3.58 3.58
CA GLY A 512 14.39 -3.51 2.57
C GLY A 512 14.61 -4.52 1.47
N THR A 513 13.52 -5.10 0.96
CA THR A 513 13.59 -6.02 -0.16
C THR A 513 12.27 -5.93 -0.92
N ASN A 514 12.09 -6.72 -1.98
CA ASN A 514 10.82 -6.68 -2.68
C ASN A 514 9.84 -7.68 -2.06
N ALA A 515 8.54 -7.45 -2.26
CA ALA A 515 7.50 -8.24 -1.64
C ALA A 515 7.55 -9.73 -2.03
N TYR A 516 8.03 -10.01 -3.22
CA TYR A 516 8.14 -11.38 -3.73
C TYR A 516 9.10 -12.21 -2.88
N VAL A 517 10.36 -11.79 -2.78
CA VAL A 517 11.29 -12.56 -1.94
C VAL A 517 11.06 -12.39 -0.44
N ALA A 518 10.38 -11.32 -0.04
CA ALA A 518 10.06 -11.13 1.38
C ALA A 518 9.22 -12.28 1.95
N GLY A 519 8.44 -12.93 1.09
CA GLY A 519 7.61 -14.05 1.51
C GLY A 519 8.33 -15.38 1.40
N GLY A 520 9.59 -15.35 1.00
CA GLY A 520 10.41 -16.56 0.94
C GLY A 520 10.55 -17.17 -0.43
N LYS A 521 10.01 -16.53 -1.46
CA LYS A 521 10.13 -17.04 -2.82
C LYS A 521 11.60 -17.01 -3.27
N ASP A 522 11.90 -17.73 -4.34
CA ASP A 522 13.26 -17.81 -4.88
C ASP A 522 14.27 -18.32 -3.85
N GLY A 523 13.80 -19.14 -2.91
CA GLY A 523 14.68 -19.76 -1.94
C GLY A 523 15.20 -18.85 -0.84
N TYR A 524 14.60 -17.68 -0.68
CA TYR A 524 14.97 -16.76 0.39
C TYR A 524 14.39 -17.24 1.72
N LYS A 525 14.86 -18.40 2.17
CA LYS A 525 14.31 -19.08 3.34
C LYS A 525 14.20 -18.19 4.56
N THR A 526 15.25 -17.44 4.85
CA THR A 526 15.28 -16.59 6.05
C THR A 526 14.14 -15.58 6.05
N PHE A 527 13.88 -14.92 4.92
CA PHE A 527 12.75 -13.99 4.83
C PHE A 527 11.43 -14.72 5.07
N GLY A 528 11.32 -15.92 4.52
CA GLY A 528 10.13 -16.74 4.71
C GLY A 528 9.82 -17.01 6.17
N LYS A 529 10.86 -17.16 6.98
CA LYS A 529 10.70 -17.41 8.41
C LYS A 529 10.39 -16.14 9.21
N LEU A 530 10.86 -15.00 8.73
CA LEU A 530 10.60 -13.74 9.41
C LEU A 530 9.17 -13.27 9.15
N PHE A 531 8.61 -13.66 8.01
CA PHE A 531 7.27 -13.24 7.62
C PHE A 531 6.24 -13.58 8.70
N ASN A 532 5.45 -12.58 9.09
CA ASN A 532 4.39 -12.74 10.08
C ASN A 532 4.84 -13.00 11.53
N ASP A 533 6.15 -13.09 11.75
CA ASP A 533 6.69 -13.12 13.11
C ASP A 533 6.95 -11.69 13.57
N PRO A 534 6.10 -11.18 14.48
CA PRO A 534 6.10 -9.77 14.89
C PRO A 534 7.43 -9.29 15.44
N LYS A 535 8.26 -10.22 15.90
CA LYS A 535 9.59 -9.88 16.40
C LYS A 535 10.40 -9.12 15.35
N TYR A 536 10.15 -9.42 14.07
CA TYR A 536 10.93 -8.85 12.98
C TYR A 536 10.25 -7.66 12.30
N GLU A 537 9.09 -7.28 12.82
CA GLU A 537 8.46 -6.01 12.45
C GLU A 537 8.19 -5.88 10.94
N GLY A 538 7.88 -7.00 10.30
CA GLY A 538 7.66 -6.97 8.86
C GLY A 538 6.57 -6.00 8.45
N VAL A 539 6.83 -5.23 7.39
CA VAL A 539 5.83 -4.33 6.86
C VAL A 539 5.93 -4.14 5.35
N ASP A 540 4.77 -4.23 4.70
CA ASP A 540 4.63 -3.88 3.29
C ASP A 540 4.40 -2.37 3.24
N THR A 541 5.35 -1.65 2.66
CA THR A 541 5.25 -0.19 2.59
C THR A 541 4.24 0.31 1.56
N TYR A 542 3.83 -0.56 0.64
CA TYR A 542 2.96 -0.20 -0.49
C TYR A 542 3.58 0.83 -1.45
N LEU A 543 4.91 0.92 -1.42
CA LEU A 543 5.67 1.73 -2.37
C LEU A 543 6.06 0.89 -3.58
N PRO A 544 5.44 1.14 -4.75
CA PRO A 544 5.70 0.26 -5.90
C PRO A 544 7.09 0.42 -6.52
N ASP A 545 7.62 -0.70 -7.00
CA ASP A 545 8.97 -0.75 -7.56
C ASP A 545 9.24 0.21 -8.73
N ALA A 546 8.33 0.28 -9.70
CA ALA A 546 8.52 1.16 -10.84
C ALA A 546 8.52 2.62 -10.38
N GLU A 547 7.67 2.93 -9.40
CA GLU A 547 7.61 4.28 -8.85
C GLU A 547 8.89 4.65 -8.10
N SER A 548 9.51 3.67 -7.44
CA SER A 548 10.81 3.89 -6.80
C SER A 548 11.88 4.27 -7.85
N PHE A 549 11.85 3.56 -8.97
CA PHE A 549 12.78 3.84 -10.05
C PHE A 549 12.57 5.25 -10.58
N ILE A 550 11.32 5.65 -10.78
CA ILE A 550 11.01 7.02 -11.20
C ILE A 550 11.55 8.07 -10.20
N LYS A 551 11.34 7.86 -8.91
CA LYS A 551 11.87 8.78 -7.91
C LYS A 551 13.40 8.90 -8.00
N PHE A 552 14.07 7.77 -8.21
CA PHE A 552 15.52 7.75 -8.30
C PHE A 552 16.00 8.62 -9.47
N MET A 553 15.37 8.48 -10.62
CA MET A 553 15.76 9.28 -11.76
C MET A 553 15.45 10.76 -11.55
N LYS A 554 14.37 11.07 -10.84
CA LYS A 554 14.08 12.46 -10.53
C LYS A 554 15.18 13.07 -9.65
N LYS A 555 15.78 12.25 -8.81
CA LYS A 555 16.85 12.70 -7.92
C LYS A 555 18.16 12.78 -8.68
N HIS A 556 18.34 11.88 -9.65
CA HIS A 556 19.53 11.83 -10.49
C HIS A 556 19.17 12.01 -11.95
N PRO A 557 18.71 13.22 -12.33
CA PRO A 557 18.24 13.41 -13.71
C PRO A 557 19.36 13.32 -14.74
N HIS A 558 20.60 13.41 -14.29
CA HIS A 558 21.75 13.18 -15.17
C HIS A 558 22.70 12.17 -14.51
N PHE A 559 22.24 10.91 -14.50
CA PHE A 559 22.89 9.83 -13.76
C PHE A 559 23.99 9.15 -14.57
N GLU A 560 25.17 9.06 -13.98
CA GLU A 560 26.28 8.32 -14.56
C GLU A 560 26.17 6.87 -14.10
N ALA A 561 26.16 5.95 -15.06
CA ALA A 561 25.92 4.54 -14.77
C ALA A 561 26.91 3.95 -13.78
N TYR A 562 26.42 3.09 -12.89
CA TYR A 562 27.28 2.31 -11.99
C TYR A 562 28.17 1.40 -12.83
N THR A 563 29.37 1.13 -12.33
CA THR A 563 30.28 0.20 -13.00
C THR A 563 30.59 -1.01 -12.12
N SER A 564 29.94 -1.07 -10.96
CA SER A 564 30.12 -2.21 -10.07
C SER A 564 28.79 -2.61 -9.42
N SER A 565 28.70 -3.86 -9.00
CA SER A 565 27.43 -4.42 -8.54
C SER A 565 27.36 -4.66 -7.02
N ASN A 566 28.36 -4.20 -6.28
CA ASN A 566 28.44 -4.45 -4.83
C ASN A 566 28.60 -5.94 -4.49
N VAL A 567 29.02 -6.73 -5.47
CA VAL A 567 29.26 -8.15 -5.26
C VAL A 567 30.58 -8.59 -5.91
N LYS A 568 31.42 -9.26 -5.13
CA LYS A 568 32.58 -9.96 -5.68
C LYS A 568 32.35 -11.44 -5.51
N PHE A 569 32.14 -12.13 -6.63
CA PHE A 569 31.82 -13.55 -6.60
C PHE A 569 32.95 -14.34 -7.26
N ASN A 570 33.58 -15.20 -6.47
CA ASN A 570 34.68 -16.00 -6.95
C ASN A 570 34.15 -17.33 -7.48
N ALA A 571 34.04 -17.42 -8.81
CA ALA A 571 33.49 -18.63 -9.44
C ALA A 571 34.47 -19.79 -9.31
N SER A 572 33.93 -21.00 -9.20
CA SER A 572 34.79 -22.17 -9.08
C SER A 572 35.47 -22.45 -10.41
N THR A 573 36.79 -22.68 -10.36
CA THR A 573 37.56 -22.91 -11.57
C THR A 573 38.60 -24.00 -11.36
#